data_8JWS
#
_entry.id   8JWS
#
_cell.length_a   37.014
_cell.length_b   59.145
_cell.length_c   170.396
_cell.angle_alpha   90.000
_cell.angle_beta   90.000
_cell.angle_gamma   90.000
#
_symmetry.space_group_name_H-M   'P 21 21 21'
#
loop_
_entity.id
_entity.type
_entity.pdbx_description
1 polymer 'PHD finger protein 7'
2 non-polymer 'ZINC ION'
3 non-polymer 1,2-ETHANEDIOL
4 water water
#
_entity_poly.entity_id   1
_entity_poly.type   'polypeptide(L)'
_entity_poly.pdbx_seq_one_letter_code
;GPGIQSSSPVCLLCLQEPGDPEKLGEFLQKDNLCVHYFCLILSSRLPQKGQPNRGLHGFMPEDIKREAVRASKKICFVCK
KKGAAIRCQNDQCVQNFHLPCGQERGCLSQFFGEYKSYCRKHRPTQN
;
_entity_poly.pdbx_strand_id   A,B,C
#
# COMPACT_ATOMS: atom_id res chain seq x y z
N SER A 8 -1.35 -6.28 -33.23
CA SER A 8 -0.47 -5.54 -32.36
C SER A 8 -1.16 -5.37 -31.00
N PRO A 9 -0.69 -6.10 -29.99
CA PRO A 9 -1.38 -6.05 -28.69
C PRO A 9 -1.45 -4.67 -28.03
N VAL A 10 -2.55 -4.40 -27.35
CA VAL A 10 -2.70 -3.14 -26.61
C VAL A 10 -3.17 -3.31 -25.14
N CYS A 11 -2.83 -2.35 -24.31
CA CYS A 11 -3.26 -2.35 -22.92
C CYS A 11 -4.77 -2.11 -22.86
N LEU A 12 -5.46 -2.94 -22.08
CA LEU A 12 -6.90 -2.87 -21.88
C LEU A 12 -7.35 -1.56 -21.21
N LEU A 13 -6.46 -0.96 -20.42
CA LEU A 13 -6.79 0.23 -19.62
C LEU A 13 -6.50 1.55 -20.34
N CYS A 14 -5.36 1.65 -21.04
CA CYS A 14 -5.04 2.87 -21.76
C CYS A 14 -5.24 2.76 -23.28
N LEU A 15 -5.41 1.53 -23.77
CA LEU A 15 -5.65 1.23 -25.18
C LEU A 15 -4.45 1.48 -26.09
N GLN A 16 -3.26 1.65 -25.49
CA GLN A 16 -2.05 1.89 -26.26
C GLN A 16 -1.10 0.68 -26.28
N GLU A 17 -0.14 0.75 -27.20
CA GLU A 17 0.84 -0.31 -27.38
C GLU A 17 1.86 -0.28 -26.22
N PRO A 18 2.71 -1.31 -26.08
CA PRO A 18 3.62 -1.42 -24.93
C PRO A 18 4.37 -0.14 -24.60
N GLY A 19 4.97 0.50 -25.60
CA GLY A 19 5.53 1.82 -25.42
C GLY A 19 6.77 1.81 -24.51
N ASP A 20 6.91 2.87 -23.70
CA ASP A 20 8.11 3.08 -22.89
C ASP A 20 7.92 2.44 -21.52
N PRO A 21 8.61 1.34 -21.18
CA PRO A 21 8.41 0.68 -19.90
C PRO A 21 8.88 1.52 -18.69
N GLU A 22 9.77 2.49 -18.92
CA GLU A 22 10.16 3.39 -17.85
C GLU A 22 9.00 4.30 -17.44
N LYS A 23 8.13 4.64 -18.40
CA LYS A 23 6.97 5.47 -18.14
C LYS A 23 5.66 4.75 -17.83
N LEU A 24 5.43 3.60 -18.45
CA LEU A 24 4.18 2.88 -18.31
C LEU A 24 4.32 1.53 -17.61
N GLY A 25 5.57 1.12 -17.37
CA GLY A 25 5.84 -0.17 -16.75
C GLY A 25 5.82 -1.28 -17.81
N GLU A 26 6.25 -2.47 -17.38
CA GLU A 26 6.23 -3.63 -18.26
C GLU A 26 4.82 -3.91 -18.77
N PHE A 27 4.75 -4.41 -20.00
CA PHE A 27 3.52 -4.86 -20.61
C PHE A 27 3.28 -6.30 -20.19
N LEU A 28 2.18 -6.53 -19.46
CA LEU A 28 1.88 -7.84 -18.90
C LEU A 28 0.82 -8.56 -19.73
N GLN A 29 1.01 -9.87 -19.91
CA GLN A 29 0.05 -10.68 -20.63
C GLN A 29 -0.24 -11.96 -19.84
N LYS A 30 -1.42 -12.04 -19.28
CA LYS A 30 -1.83 -13.19 -18.51
C LYS A 30 -3.33 -13.19 -18.46
N ASP A 31 -3.91 -14.35 -18.26
CA ASP A 31 -5.36 -14.43 -18.09
C ASP A 31 -6.11 -13.79 -19.24
N ASN A 32 -5.60 -13.96 -20.46
CA ASN A 32 -6.28 -13.44 -21.65
C ASN A 32 -6.35 -11.93 -21.67
N LEU A 33 -5.60 -11.29 -20.81
CA LEU A 33 -5.57 -9.85 -20.69
C LEU A 33 -4.18 -9.33 -21.09
N CYS A 34 -4.14 -8.09 -21.60
CA CYS A 34 -2.90 -7.33 -21.76
C CYS A 34 -3.05 -6.00 -21.03
N VAL A 35 -2.03 -5.62 -20.25
CA VAL A 35 -2.10 -4.40 -19.46
C VAL A 35 -0.68 -3.96 -19.09
N HIS A 36 -0.48 -2.64 -19.08
CA HIS A 36 0.75 -2.06 -18.55
C HIS A 36 0.73 -2.18 -17.03
N TYR A 37 1.90 -2.46 -16.44
CA TYR A 37 1.96 -2.58 -14.99
C TYR A 37 1.58 -1.29 -14.27
N PHE A 38 2.01 -0.13 -14.79
CA PHE A 38 1.68 1.13 -14.14
C PHE A 38 0.22 1.49 -14.35
N CYS A 39 -0.36 1.12 -15.49
CA CYS A 39 -1.79 1.31 -15.68
C CYS A 39 -2.57 0.55 -14.63
N LEU A 40 -2.11 -0.65 -14.26
CA LEU A 40 -2.72 -1.42 -13.19
C LEU A 40 -2.65 -0.77 -11.81
N ILE A 41 -1.44 -0.37 -11.39
CA ILE A 41 -1.23 0.13 -10.05
C ILE A 41 -1.68 1.59 -9.90
N LEU A 42 -1.78 2.33 -11.02
CA LEU A 42 -2.27 3.71 -10.95
C LEU A 42 -3.76 3.88 -11.28
N SER A 43 -4.41 2.82 -11.78
CA SER A 43 -5.83 2.89 -12.09
C SER A 43 -6.63 3.25 -10.84
N SER A 44 -7.44 4.31 -10.93
CA SER A 44 -7.95 4.97 -9.75
C SER A 44 -8.90 4.12 -8.89
N ARG A 45 -9.76 3.33 -9.52
CA ARG A 45 -10.70 2.52 -8.77
C ARG A 45 -10.54 1.03 -9.05
N LEU A 46 -9.32 0.52 -9.00
CA LEU A 46 -9.11 -0.89 -9.25
C LEU A 46 -8.77 -1.63 -7.96
N PRO A 47 -9.63 -2.55 -7.47
CA PRO A 47 -9.29 -3.33 -6.28
C PRO A 47 -8.21 -4.38 -6.54
N GLN A 48 -7.39 -4.62 -5.52
CA GLN A 48 -6.39 -5.67 -5.54
C GLN A 48 -6.76 -6.72 -4.49
N LYS A 49 -7.49 -7.75 -4.93
CA LYS A 49 -8.13 -8.70 -4.04
C LYS A 49 -7.50 -10.10 -4.02
N GLY A 50 -6.44 -10.25 -4.78
CA GLY A 50 -5.78 -11.51 -4.84
C GLY A 50 -4.47 -11.59 -4.12
N GLN A 51 -4.10 -12.78 -3.73
CA GLN A 51 -2.79 -12.97 -3.14
C GLN A 51 -1.75 -12.69 -4.24
N PRO A 52 -0.48 -12.51 -3.86
CA PRO A 52 0.56 -12.16 -4.84
C PRO A 52 0.73 -13.13 -6.03
N ASN A 53 0.49 -14.41 -5.84
CA ASN A 53 0.64 -15.36 -6.93
C ASN A 53 -0.65 -15.59 -7.71
N ARG A 54 -1.63 -14.71 -7.51
CA ARG A 54 -2.91 -14.81 -8.19
C ARG A 54 -3.06 -13.69 -9.19
N GLY A 55 -3.97 -13.87 -10.14
CA GLY A 55 -4.19 -12.87 -11.17
C GLY A 55 -2.90 -12.25 -11.69
N LEU A 56 -2.91 -10.93 -11.84
CA LEU A 56 -1.73 -10.18 -12.24
C LEU A 56 -1.22 -9.43 -11.00
N HIS A 57 -0.28 -10.04 -10.28
CA HIS A 57 0.25 -9.49 -9.04
C HIS A 57 -0.88 -9.13 -8.07
N GLY A 58 -1.87 -10.01 -7.94
CA GLY A 58 -2.97 -9.80 -7.01
C GLY A 58 -4.17 -9.01 -7.57
N PHE A 59 -4.00 -8.45 -8.77
CA PHE A 59 -5.11 -7.81 -9.48
C PHE A 59 -5.85 -8.88 -10.28
N MET A 60 -7.06 -9.16 -9.88
CA MET A 60 -7.82 -10.22 -10.52
C MET A 60 -8.44 -9.80 -11.86
N PRO A 61 -8.34 -10.69 -12.86
CA PRO A 61 -8.88 -10.38 -14.19
C PRO A 61 -10.32 -9.79 -14.19
N GLU A 62 -11.20 -10.33 -13.36
CA GLU A 62 -12.57 -9.81 -13.30
C GLU A 62 -12.55 -8.34 -12.92
N ASP A 63 -11.83 -8.00 -11.86
CA ASP A 63 -11.76 -6.63 -11.42
C ASP A 63 -11.16 -5.70 -12.51
N ILE A 64 -10.12 -6.18 -13.18
CA ILE A 64 -9.46 -5.39 -14.22
C ILE A 64 -10.46 -5.08 -15.32
N LYS A 65 -11.20 -6.09 -15.72
CA LYS A 65 -12.20 -5.91 -16.76
C LYS A 65 -13.32 -4.98 -16.33
N ARG A 66 -13.74 -5.08 -15.08
CA ARG A 66 -14.74 -4.15 -14.57
C ARG A 66 -14.21 -2.72 -14.58
N GLU A 67 -12.93 -2.57 -14.30
CA GLU A 67 -12.33 -1.25 -14.34
C GLU A 67 -12.26 -0.68 -15.76
N ALA A 68 -12.00 -1.55 -16.75
CA ALA A 68 -12.08 -1.16 -18.15
C ALA A 68 -13.49 -0.73 -18.53
N VAL A 69 -14.49 -1.37 -17.94
CA VAL A 69 -15.87 -1.04 -18.25
C VAL A 69 -16.26 0.29 -17.65
N ARG A 70 -15.86 0.55 -16.42
CA ARG A 70 -16.11 1.84 -15.80
C ARG A 70 -15.44 2.93 -16.61
N ALA A 71 -14.19 2.70 -16.96
CA ALA A 71 -13.44 3.71 -17.71
C ALA A 71 -13.95 3.94 -19.14
N SER A 72 -14.60 2.94 -19.72
CA SER A 72 -15.16 3.10 -21.06
C SER A 72 -16.19 4.23 -21.14
N LYS A 73 -16.75 4.64 -19.99
CA LYS A 73 -17.66 5.78 -19.92
C LYS A 73 -16.97 7.11 -19.60
N LYS A 74 -15.64 7.11 -19.45
CA LYS A 74 -14.91 8.33 -19.11
C LYS A 74 -14.03 8.81 -20.26
N ILE A 75 -14.14 10.11 -20.56
CA ILE A 75 -13.39 10.74 -21.63
C ILE A 75 -12.06 11.29 -21.09
N CYS A 76 -10.98 10.94 -21.77
CA CYS A 76 -9.65 11.51 -21.51
C CYS A 76 -9.59 12.97 -21.97
N PHE A 77 -9.18 13.86 -21.05
CA PHE A 77 -9.14 15.28 -21.36
C PHE A 77 -8.07 15.60 -22.42
N VAL A 78 -7.07 14.71 -22.55
CA VAL A 78 -6.00 14.93 -23.53
C VAL A 78 -6.40 14.55 -24.96
N CYS A 79 -6.79 13.30 -25.17
CA CYS A 79 -7.07 12.80 -26.52
C CYS A 79 -8.56 12.82 -26.88
N LYS A 80 -9.43 13.09 -25.89
CA LYS A 80 -10.87 13.21 -26.09
C LYS A 80 -11.54 11.88 -26.45
N LYS A 81 -10.89 10.76 -26.12
CA LYS A 81 -11.45 9.44 -26.37
C LYS A 81 -11.80 8.77 -25.05
N LYS A 82 -12.68 7.77 -25.13
CA LYS A 82 -13.14 7.03 -23.97
C LYS A 82 -12.05 6.10 -23.46
N GLY A 83 -12.30 5.50 -22.29
CA GLY A 83 -11.39 4.53 -21.68
C GLY A 83 -10.42 5.10 -20.66
N ALA A 84 -10.64 6.35 -20.20
CA ALA A 84 -9.76 6.99 -19.23
C ALA A 84 -9.94 6.42 -17.83
N ALA A 85 -8.95 5.70 -17.36
CA ALA A 85 -9.04 5.00 -16.05
C ALA A 85 -8.38 5.73 -14.88
N ILE A 86 -7.70 6.82 -15.15
CA ILE A 86 -7.11 7.59 -14.07
C ILE A 86 -7.81 8.93 -13.85
N ARG A 87 -8.09 9.21 -12.59
CA ARG A 87 -8.76 10.42 -12.23
C ARG A 87 -7.86 11.27 -11.37
N CYS A 88 -7.78 12.55 -11.69
CA CYS A 88 -7.03 13.48 -10.84
C CYS A 88 -7.58 13.39 -9.42
N GLN A 89 -6.68 13.25 -8.45
CA GLN A 89 -7.08 12.97 -7.08
C GLN A 89 -7.30 14.21 -6.21
N ASN A 90 -7.34 15.38 -6.85
CA ASN A 90 -7.73 16.57 -6.14
C ASN A 90 -9.24 16.44 -6.02
N ASP A 91 -9.76 16.62 -4.82
CA ASP A 91 -11.19 16.44 -4.58
C ASP A 91 -12.18 17.34 -5.35
N GLN A 92 -11.71 18.44 -5.85
CA GLN A 92 -12.56 19.33 -6.62
C GLN A 92 -12.14 19.37 -8.08
N CYS A 93 -11.67 18.25 -8.60
CA CYS A 93 -11.27 18.10 -9.98
C CYS A 93 -11.94 16.87 -10.60
N VAL A 94 -12.39 17.03 -11.85
CA VAL A 94 -13.09 15.98 -12.57
C VAL A 94 -12.33 15.51 -13.82
N GLN A 95 -11.06 15.92 -13.96
CA GLN A 95 -10.26 15.50 -15.10
C GLN A 95 -9.92 14.01 -14.99
N ASN A 96 -10.15 13.27 -16.08
CA ASN A 96 -9.75 11.88 -16.20
C ASN A 96 -8.82 11.75 -17.40
N PHE A 97 -7.94 10.75 -17.38
CA PHE A 97 -6.99 10.56 -18.48
C PHE A 97 -6.46 9.14 -18.56
N HIS A 98 -6.02 8.77 -19.77
CA HIS A 98 -5.19 7.60 -19.99
C HIS A 98 -3.78 7.94 -19.47
N LEU A 99 -3.12 7.00 -18.79
CA LEU A 99 -1.78 7.26 -18.26
C LEU A 99 -0.81 7.87 -19.27
N PRO A 100 -0.60 7.27 -20.47
CA PRO A 100 0.33 7.84 -21.46
C PRO A 100 -0.02 9.27 -21.89
N CYS A 101 -1.32 9.56 -21.98
CA CYS A 101 -1.81 10.88 -22.34
C CYS A 101 -1.49 11.92 -21.26
N GLY A 102 -1.77 11.56 -20.01
CA GLY A 102 -1.45 12.40 -18.87
C GLY A 102 0.04 12.75 -18.82
N GLN A 103 0.89 11.79 -19.14
CA GLN A 103 2.32 12.02 -19.14
C GLN A 103 2.78 13.03 -20.18
N GLU A 104 2.01 13.25 -21.23
CA GLU A 104 2.30 14.30 -22.21
C GLU A 104 1.85 15.69 -21.75
N ARG A 105 1.01 15.77 -20.74
CA ARG A 105 0.46 17.04 -20.29
C ARG A 105 0.86 17.35 -18.85
N GLY A 106 1.95 16.80 -18.41
CA GLY A 106 2.44 17.11 -17.09
C GLY A 106 1.72 16.55 -15.90
N CYS A 107 0.92 15.52 -16.11
CA CYS A 107 0.25 14.90 -14.99
C CYS A 107 1.29 14.18 -14.12
N LEU A 108 1.04 14.13 -12.80
CA LEU A 108 1.98 13.55 -11.86
C LEU A 108 1.37 12.26 -11.34
N SER A 109 2.18 11.20 -11.28
CA SER A 109 1.78 9.95 -10.65
C SER A 109 2.69 9.65 -9.46
N GLN A 110 2.08 9.19 -8.37
CA GLN A 110 2.81 8.78 -7.17
C GLN A 110 2.78 7.26 -7.00
N PHE A 111 3.94 6.69 -6.67
CA PHE A 111 4.09 5.25 -6.54
C PHE A 111 4.24 4.84 -5.08
N PHE A 112 3.24 5.26 -4.28
CA PHE A 112 3.14 4.89 -2.88
C PHE A 112 1.72 5.18 -2.38
N GLY A 113 1.34 4.52 -1.27
CA GLY A 113 0.09 4.81 -0.61
C GLY A 113 -1.13 4.37 -1.41
N GLU A 114 -2.01 5.34 -1.71
CA GLU A 114 -3.12 5.09 -2.62
C GLU A 114 -2.72 5.20 -4.09
N TYR A 115 -1.43 5.41 -4.38
CA TYR A 115 -0.94 5.49 -5.76
C TYR A 115 -1.77 6.51 -6.55
N LYS A 116 -1.79 7.74 -6.04
CA LYS A 116 -2.56 8.84 -6.60
C LYS A 116 -1.90 9.48 -7.82
N SER A 117 -2.73 10.03 -8.71
CA SER A 117 -2.25 10.87 -9.80
C SER A 117 -2.96 12.21 -9.76
N TYR A 118 -2.32 13.21 -10.35
CA TYR A 118 -2.84 14.57 -10.38
C TYR A 118 -2.66 15.24 -11.73
N CYS A 119 -3.61 16.07 -12.11
CA CYS A 119 -3.42 16.82 -13.32
C CYS A 119 -2.34 17.86 -13.02
N ARG A 120 -1.87 18.55 -14.03
CA ARG A 120 -0.79 19.50 -13.85
C ARG A 120 -1.15 20.64 -12.90
N LYS A 121 -2.41 21.10 -12.95
CA LYS A 121 -2.83 22.20 -12.10
C LYS A 121 -2.96 21.79 -10.66
N HIS A 122 -2.98 20.49 -10.40
CA HIS A 122 -3.18 20.01 -9.06
C HIS A 122 -2.00 19.21 -8.51
N ARG A 123 -0.82 19.37 -9.11
CA ARG A 123 0.37 18.72 -8.59
C ARG A 123 0.62 19.19 -7.16
N PRO A 124 0.71 18.27 -6.17
CA PRO A 124 0.88 18.66 -4.77
C PRO A 124 2.23 19.35 -4.50
N SER B 8 33.29 -2.97 6.25
CA SER B 8 31.99 -3.34 6.81
C SER B 8 30.85 -2.58 6.12
N PRO B 9 29.87 -3.33 5.60
CA PRO B 9 28.71 -2.75 4.91
C PRO B 9 27.80 -1.87 5.76
N VAL B 10 27.33 -0.78 5.18
CA VAL B 10 26.38 0.08 5.86
C VAL B 10 25.12 0.35 5.02
N CYS B 11 24.00 0.55 5.68
CA CYS B 11 22.75 0.89 5.01
C CYS B 11 22.90 2.25 4.36
N LEU B 12 22.53 2.33 3.08
CA LEU B 12 22.67 3.53 2.27
C LEU B 12 21.78 4.68 2.78
N LEU B 13 20.69 4.31 3.48
CA LEU B 13 19.72 5.27 3.95
C LEU B 13 19.98 5.81 5.36
N CYS B 14 20.36 4.94 6.32
CA CYS B 14 20.66 5.40 7.66
C CYS B 14 22.16 5.47 7.96
N LEU B 15 22.97 4.86 7.09
CA LEU B 15 24.43 4.88 7.20
C LEU B 15 24.97 4.08 8.37
N GLN B 16 24.13 3.21 8.97
CA GLN B 16 24.55 2.34 10.06
C GLN B 16 24.77 0.89 9.62
N GLU B 17 25.44 0.13 10.48
CA GLU B 17 25.73 -1.28 10.23
C GLU B 17 24.46 -2.10 10.45
N PRO B 18 24.43 -3.38 10.01
CA PRO B 18 23.20 -4.19 10.06
C PRO B 18 22.44 -4.10 11.37
N GLY B 19 23.14 -4.29 12.49
CA GLY B 19 22.54 -4.05 13.79
C GLY B 19 21.35 -4.97 14.11
N ASP B 20 20.29 -4.40 14.72
CA ASP B 20 19.22 -5.20 15.27
C ASP B 20 18.09 -5.35 14.24
N PRO B 21 17.91 -6.58 13.72
CA PRO B 21 16.87 -6.76 12.71
C PRO B 21 15.47 -6.62 13.28
N GLU B 22 15.33 -6.75 14.57
CA GLU B 22 14.03 -6.56 15.20
C GLU B 22 13.63 -5.09 15.17
N LYS B 23 14.60 -4.21 15.14
CA LYS B 23 14.34 -2.78 15.12
C LYS B 23 14.43 -2.13 13.76
N LEU B 24 15.28 -2.63 12.89
CA LEU B 24 15.53 -1.99 11.59
C LEU B 24 15.21 -2.90 10.41
N GLY B 25 14.85 -4.16 10.69
CA GLY B 25 14.56 -5.12 9.64
C GLY B 25 15.84 -5.76 9.11
N GLU B 26 15.67 -6.81 8.31
CA GLU B 26 16.78 -7.52 7.71
C GLU B 26 17.64 -6.58 6.88
N PHE B 27 18.95 -6.85 6.86
CA PHE B 27 19.89 -6.10 6.05
C PHE B 27 19.93 -6.73 4.65
N LEU B 28 19.57 -5.96 3.66
CA LEU B 28 19.49 -6.44 2.30
C LEU B 28 20.65 -6.03 1.43
N GLN B 29 21.17 -6.97 0.64
CA GLN B 29 22.24 -6.66 -0.29
C GLN B 29 21.90 -7.20 -1.67
N LYS B 30 21.73 -6.31 -2.62
CA LYS B 30 21.35 -6.70 -3.96
C LYS B 30 21.59 -5.53 -4.91
N ASP B 31 21.91 -5.82 -6.16
CA ASP B 31 22.18 -4.82 -7.18
C ASP B 31 23.19 -3.76 -6.74
N ASN B 32 24.25 -4.23 -6.04
CA ASN B 32 25.30 -3.40 -5.49
C ASN B 32 24.88 -2.38 -4.42
N LEU B 33 23.69 -2.57 -3.85
CA LEU B 33 23.17 -1.73 -2.77
C LEU B 33 23.10 -2.51 -1.46
N CYS B 34 23.17 -1.78 -0.35
CA CYS B 34 22.90 -2.30 0.99
C CYS B 34 21.89 -1.39 1.67
N VAL B 35 20.85 -1.99 2.25
CA VAL B 35 19.80 -1.23 2.94
C VAL B 35 19.07 -2.12 3.94
N HIS B 36 18.71 -1.54 5.09
CA HIS B 36 17.82 -2.18 6.04
C HIS B 36 16.42 -2.22 5.43
N TYR B 37 15.69 -3.32 5.65
CA TYR B 37 14.36 -3.43 5.08
C TYR B 37 13.41 -2.33 5.59
N PHE B 38 13.46 -2.00 6.89
CA PHE B 38 12.57 -0.96 7.42
C PHE B 38 12.98 0.42 6.93
N CYS B 39 14.29 0.65 6.77
CA CYS B 39 14.71 1.93 6.20
C CYS B 39 14.13 2.12 4.79
N LEU B 40 14.08 1.02 4.03
CA LEU B 40 13.50 1.04 2.68
C LEU B 40 12.01 1.35 2.67
N ILE B 41 11.21 0.66 3.48
CA ILE B 41 9.77 0.80 3.42
C ILE B 41 9.25 2.03 4.16
N LEU B 42 10.07 2.60 5.02
CA LEU B 42 9.68 3.78 5.77
C LEU B 42 10.27 5.06 5.19
N SER B 43 11.18 4.93 4.22
CA SER B 43 11.76 6.10 3.58
C SER B 43 10.62 6.92 3.05
N SER B 44 10.47 8.16 3.52
CA SER B 44 9.29 8.97 3.15
C SER B 44 8.94 9.16 1.67
N ARG B 45 9.91 9.43 0.81
CA ARG B 45 9.65 9.76 -0.59
C ARG B 45 10.25 8.78 -1.60
N LEU B 46 10.33 7.54 -1.25
CA LEU B 46 10.84 6.55 -2.17
C LEU B 46 9.75 5.85 -2.99
N PRO B 47 9.75 6.07 -4.31
CA PRO B 47 8.78 5.36 -5.14
C PRO B 47 9.06 3.86 -5.25
N GLN B 48 7.99 3.07 -5.38
CA GLN B 48 8.07 1.64 -5.59
C GLN B 48 7.51 1.30 -6.97
N LYS B 49 8.42 1.26 -7.96
CA LYS B 49 8.02 1.21 -9.36
C LYS B 49 8.31 -0.12 -10.05
N GLY B 50 8.85 -1.09 -9.32
CA GLY B 50 9.10 -2.41 -9.88
C GLY B 50 8.04 -3.42 -9.49
N GLN B 51 7.86 -4.44 -10.32
CA GLN B 51 7.11 -5.62 -9.93
C GLN B 51 7.82 -6.26 -8.74
N PRO B 52 7.14 -7.11 -7.94
CA PRO B 52 7.76 -7.76 -6.78
C PRO B 52 9.07 -8.51 -6.97
N ASN B 53 9.27 -9.13 -8.15
CA ASN B 53 10.52 -9.86 -8.37
C ASN B 53 11.64 -8.99 -8.96
N ARG B 54 11.43 -7.68 -8.93
CA ARG B 54 12.41 -6.74 -9.46
C ARG B 54 13.04 -5.94 -8.33
N GLY B 55 14.19 -5.35 -8.62
CA GLY B 55 14.90 -4.56 -7.63
C GLY B 55 14.91 -5.23 -6.25
N LEU B 56 14.69 -4.41 -5.22
CA LEU B 56 14.58 -4.88 -3.85
C LEU B 56 13.10 -4.82 -3.46
N HIS B 57 12.39 -5.94 -3.66
CA HIS B 57 10.96 -6.03 -3.39
C HIS B 57 10.21 -4.90 -4.10
N GLY B 58 10.55 -4.63 -5.38
CA GLY B 58 9.85 -3.62 -6.17
C GLY B 58 10.43 -2.22 -6.07
N PHE B 59 11.35 -2.00 -5.12
CA PHE B 59 12.07 -0.75 -5.02
C PHE B 59 13.29 -0.82 -5.93
N MET B 60 13.31 0.02 -6.97
CA MET B 60 14.35 -0.10 -7.99
C MET B 60 15.62 0.61 -7.55
N PRO B 61 16.82 0.02 -7.78
CA PRO B 61 18.08 0.65 -7.38
C PRO B 61 18.22 2.13 -7.74
N GLU B 62 17.85 2.54 -8.93
CA GLU B 62 18.05 3.92 -9.30
C GLU B 62 17.21 4.89 -8.43
N ASP B 63 15.99 4.50 -8.07
CA ASP B 63 15.15 5.31 -7.21
C ASP B 63 15.73 5.37 -5.81
N ILE B 64 16.21 4.23 -5.33
CA ILE B 64 16.82 4.16 -4.01
C ILE B 64 18.00 5.13 -3.90
N LYS B 65 18.86 5.09 -4.90
CA LYS B 65 20.01 5.97 -4.91
C LYS B 65 19.57 7.43 -4.97
N ARG B 66 18.54 7.71 -5.74
CA ARG B 66 17.97 9.06 -5.77
C ARG B 66 17.46 9.52 -4.40
N GLU B 67 16.87 8.61 -3.64
CA GLU B 67 16.39 8.95 -2.31
C GLU B 67 17.55 9.29 -1.38
N ALA B 68 18.56 8.45 -1.36
CA ALA B 68 19.75 8.73 -0.57
C ALA B 68 20.35 10.10 -0.93
N VAL B 69 20.30 10.44 -2.20
CA VAL B 69 20.78 11.75 -2.62
C VAL B 69 19.92 12.84 -1.99
N ARG B 70 18.62 12.77 -2.18
CA ARG B 70 17.72 13.73 -1.56
C ARG B 70 17.99 13.80 -0.07
N ALA B 71 18.08 12.64 0.56
CA ALA B 71 18.34 12.59 1.98
C ALA B 71 19.68 13.20 2.41
N SER B 72 20.67 13.15 1.51
CA SER B 72 21.99 13.69 1.82
C SER B 72 21.97 15.20 2.10
N LYS B 73 20.91 15.89 1.67
CA LYS B 73 20.74 17.31 1.98
C LYS B 73 19.88 17.57 3.22
N LYS B 74 19.44 16.51 3.92
CA LYS B 74 18.58 16.66 5.08
C LYS B 74 19.30 16.24 6.36
N ILE B 75 19.25 17.12 7.36
CA ILE B 75 19.90 16.90 8.64
C ILE B 75 18.94 16.20 9.60
N CYS B 76 19.41 15.11 10.22
CA CYS B 76 18.71 14.42 11.28
C CYS B 76 18.68 15.27 12.55
N PHE B 77 17.47 15.50 13.09
CA PHE B 77 17.31 16.35 14.27
C PHE B 77 17.94 15.71 15.51
N VAL B 78 18.08 14.37 15.50
CA VAL B 78 18.65 13.64 16.62
C VAL B 78 20.18 13.72 16.67
N CYS B 79 20.83 13.23 15.62
CA CYS B 79 22.29 13.12 15.61
C CYS B 79 23.00 14.27 14.89
N LYS B 80 22.23 15.15 14.23
CA LYS B 80 22.75 16.32 13.55
C LYS B 80 23.63 16.01 12.33
N LYS B 81 23.46 14.83 11.76
CA LYS B 81 24.20 14.44 10.57
C LYS B 81 23.25 14.34 9.37
N LYS B 82 23.83 14.47 8.18
CA LYS B 82 23.06 14.42 6.95
C LYS B 82 22.64 12.99 6.64
N GLY B 83 21.76 12.85 5.64
CA GLY B 83 21.29 11.55 5.21
C GLY B 83 19.95 11.09 5.79
N ALA B 84 19.23 12.02 6.44
CA ALA B 84 17.95 11.71 7.05
C ALA B 84 16.85 11.51 6.00
N ALA B 85 16.36 10.28 5.89
CA ALA B 85 15.44 9.88 4.85
C ALA B 85 13.98 9.82 5.30
N ILE B 86 13.73 10.00 6.59
CA ILE B 86 12.37 10.00 7.10
C ILE B 86 11.98 11.41 7.53
N ARG B 87 10.83 11.87 7.02
CA ARG B 87 10.23 13.15 7.35
C ARG B 87 9.00 12.88 8.22
N CYS B 88 8.87 13.59 9.34
CA CYS B 88 7.64 13.56 10.12
C CYS B 88 6.48 13.92 9.20
N GLN B 89 5.41 13.13 9.24
CA GLN B 89 4.31 13.28 8.31
C GLN B 89 3.19 14.21 8.78
N ASN B 90 3.39 14.90 9.90
CA ASN B 90 2.54 16.05 10.22
C ASN B 90 2.81 17.15 9.18
N ASP B 91 1.75 17.70 8.59
CA ASP B 91 1.86 18.69 7.53
C ASP B 91 2.58 19.98 7.91
N GLN B 92 2.64 20.29 9.21
CA GLN B 92 3.28 21.52 9.67
C GLN B 92 4.54 21.23 10.49
N CYS B 93 5.24 20.15 10.12
CA CYS B 93 6.47 19.73 10.76
C CYS B 93 7.56 19.51 9.72
N VAL B 94 8.77 19.96 10.05
CA VAL B 94 9.91 19.86 9.15
C VAL B 94 11.02 18.96 9.71
N GLN B 95 10.72 18.20 10.76
CA GLN B 95 11.72 17.31 11.36
C GLN B 95 12.00 16.13 10.44
N ASN B 96 13.29 15.87 10.20
CA ASN B 96 13.72 14.70 9.46
C ASN B 96 14.64 13.89 10.37
N PHE B 97 14.70 12.58 10.14
CA PHE B 97 15.55 11.72 10.95
C PHE B 97 15.94 10.43 10.25
N HIS B 98 17.07 9.86 10.68
CA HIS B 98 17.43 8.49 10.38
C HIS B 98 16.53 7.57 11.22
N LEU B 99 16.06 6.46 10.65
CA LEU B 99 15.23 5.52 11.40
C LEU B 99 15.78 5.15 12.77
N PRO B 100 17.04 4.66 12.91
CA PRO B 100 17.57 4.27 14.22
C PRO B 100 17.56 5.43 15.23
N CYS B 101 17.82 6.64 14.74
CA CYS B 101 17.82 7.83 15.57
C CYS B 101 16.44 8.18 16.08
N GLY B 102 15.45 8.14 15.18
CA GLY B 102 14.05 8.36 15.54
C GLY B 102 13.58 7.39 16.63
N GLN B 103 13.99 6.17 16.51
CA GLN B 103 13.60 5.17 17.47
C GLN B 103 14.12 5.51 18.88
N GLU B 104 15.32 6.05 18.98
CA GLU B 104 15.86 6.48 20.25
C GLU B 104 15.06 7.64 20.88
N ARG B 105 14.43 8.50 20.06
CA ARG B 105 13.65 9.63 20.57
C ARG B 105 12.12 9.46 20.50
N GLY B 106 11.62 8.23 20.53
CA GLY B 106 10.21 7.93 20.57
C GLY B 106 9.40 8.31 19.34
N CYS B 107 10.05 8.39 18.17
CA CYS B 107 9.33 8.60 16.92
C CYS B 107 8.48 7.36 16.61
N LEU B 108 7.32 7.55 15.98
CA LEU B 108 6.43 6.45 15.66
C LEU B 108 6.52 6.14 14.18
N SER B 109 6.62 4.86 13.86
CA SER B 109 6.66 4.43 12.48
C SER B 109 5.52 3.46 12.26
N GLN B 110 4.77 3.66 11.19
CA GLN B 110 3.63 2.80 10.89
C GLN B 110 3.88 1.88 9.72
N PHE B 111 3.46 0.64 9.86
CA PHE B 111 3.69 -0.35 8.82
C PHE B 111 2.39 -0.67 8.06
N PHE B 112 1.76 0.36 7.52
CA PHE B 112 0.58 0.18 6.69
C PHE B 112 0.35 1.45 5.92
N GLY B 113 -0.41 1.39 4.84
CA GLY B 113 -0.73 2.55 4.05
C GLY B 113 0.44 3.22 3.40
N GLU B 114 0.66 4.50 3.70
CA GLU B 114 1.81 5.21 3.19
C GLU B 114 3.06 4.96 4.04
N TYR B 115 2.93 4.11 5.06
CA TYR B 115 4.05 3.80 5.94
C TYR B 115 4.60 5.09 6.51
N LYS B 116 3.73 5.80 7.19
CA LYS B 116 4.11 7.08 7.75
C LYS B 116 4.91 7.02 9.05
N SER B 117 5.69 8.07 9.25
CA SER B 117 6.40 8.17 10.49
C SER B 117 6.11 9.56 11.11
N TYR B 118 6.22 9.68 12.43
CA TYR B 118 5.97 10.92 13.14
C TYR B 118 7.04 11.11 14.22
N CYS B 119 7.45 12.36 14.45
CA CYS B 119 8.29 12.68 15.59
C CYS B 119 7.44 12.54 16.85
N ARG B 120 8.08 12.56 18.02
CA ARG B 120 7.39 12.26 19.26
C ARG B 120 6.18 13.16 19.51
N LYS B 121 6.31 14.47 19.27
CA LYS B 121 5.23 15.40 19.58
C LYS B 121 4.04 15.32 18.61
N HIS B 122 4.21 14.65 17.48
CA HIS B 122 3.16 14.56 16.47
C HIS B 122 2.62 13.14 16.32
N ARG B 123 2.87 12.27 17.32
CA ARG B 123 2.31 10.93 17.30
C ARG B 123 0.78 11.04 17.28
N PRO B 124 0.08 10.44 16.30
CA PRO B 124 -1.37 10.61 16.20
C PRO B 124 -2.11 9.90 17.34
N SER C 8 -12.96 -27.76 14.48
CA SER C 8 -12.98 -27.12 13.16
C SER C 8 -12.29 -25.78 13.22
N PRO C 9 -11.30 -25.58 12.33
CA PRO C 9 -10.51 -24.36 12.37
C PRO C 9 -11.32 -23.11 12.13
N VAL C 10 -11.03 -22.07 12.88
CA VAL C 10 -11.70 -20.81 12.69
C VAL C 10 -10.70 -19.66 12.54
N CYS C 11 -11.07 -18.61 11.82
CA CYS C 11 -10.24 -17.44 11.62
C CYS C 11 -10.04 -16.73 12.95
N LEU C 12 -8.79 -16.40 13.25
CA LEU C 12 -8.39 -15.73 14.47
C LEU C 12 -8.98 -14.33 14.61
N LEU C 13 -9.27 -13.70 13.47
CA LEU C 13 -9.74 -12.33 13.44
C LEU C 13 -11.26 -12.17 13.46
N CYS C 14 -12.00 -13.00 12.70
CA CYS C 14 -13.45 -12.92 12.71
C CYS C 14 -14.12 -14.04 13.52
N LEU C 15 -13.34 -15.07 13.87
CA LEU C 15 -13.80 -16.20 14.69
C LEU C 15 -14.78 -17.12 13.95
N GLN C 16 -14.89 -16.98 12.63
CA GLN C 16 -15.76 -17.85 11.83
C GLN C 16 -15.00 -18.90 11.03
N GLU C 17 -15.74 -19.90 10.53
CA GLU C 17 -15.17 -20.98 9.76
C GLU C 17 -14.77 -20.49 8.37
N PRO C 18 -14.00 -21.28 7.59
CA PRO C 18 -13.49 -20.84 6.29
C PRO C 18 -14.52 -20.15 5.41
N GLY C 19 -15.68 -20.81 5.25
CA GLY C 19 -16.80 -20.19 4.57
C GLY C 19 -16.53 -19.91 3.09
N ASP C 20 -17.02 -18.75 2.62
CA ASP C 20 -17.01 -18.40 1.22
C ASP C 20 -15.76 -17.61 0.87
N PRO C 21 -14.81 -18.20 0.09
CA PRO C 21 -13.59 -17.48 -0.28
C PRO C 21 -13.83 -16.28 -1.19
N GLU C 22 -14.95 -16.27 -1.92
CA GLU C 22 -15.28 -15.13 -2.75
C GLU C 22 -15.63 -13.92 -1.88
N LYS C 23 -16.14 -14.15 -0.66
CA LYS C 23 -16.47 -13.06 0.26
C LYS C 23 -15.40 -12.70 1.29
N LEU C 24 -14.70 -13.71 1.81
CA LEU C 24 -13.75 -13.52 2.89
C LEU C 24 -12.31 -13.79 2.50
N GLY C 25 -12.11 -14.28 1.26
CA GLY C 25 -10.78 -14.63 0.79
C GLY C 25 -10.40 -16.03 1.25
N GLU C 26 -9.32 -16.55 0.66
CA GLU C 26 -8.79 -17.86 0.99
C GLU C 26 -8.50 -17.96 2.48
N PHE C 27 -8.74 -19.15 3.05
CA PHE C 27 -8.45 -19.43 4.44
C PHE C 27 -6.98 -19.87 4.53
N LEU C 28 -6.17 -19.07 5.22
CA LEU C 28 -4.73 -19.29 5.29
C LEU C 28 -4.35 -19.98 6.59
N GLN C 29 -3.44 -20.97 6.49
CA GLN C 29 -2.99 -21.75 7.62
C GLN C 29 -1.47 -21.86 7.54
N LYS C 30 -0.81 -21.11 8.39
CA LYS C 30 0.61 -21.14 8.45
C LYS C 30 0.94 -20.69 9.84
N ASP C 31 2.11 -21.07 10.32
CA ASP C 31 2.57 -20.63 11.63
C ASP C 31 1.57 -20.89 12.72
N ASN C 32 0.92 -22.05 12.68
CA ASN C 32 -0.07 -22.41 13.68
C ASN C 32 -1.18 -21.37 13.83
N LEU C 33 -1.44 -20.62 12.79
CA LEU C 33 -2.43 -19.59 12.82
C LEU C 33 -3.38 -19.81 11.67
N CYS C 34 -4.67 -19.55 11.88
CA CYS C 34 -5.63 -19.62 10.78
C CYS C 34 -6.31 -18.24 10.62
N VAL C 35 -6.39 -17.74 9.39
CA VAL C 35 -6.99 -16.45 9.10
C VAL C 35 -7.46 -16.39 7.66
N HIS C 36 -8.60 -15.73 7.45
CA HIS C 36 -9.07 -15.39 6.12
C HIS C 36 -8.15 -14.33 5.54
N TYR C 37 -7.86 -14.42 4.23
CA TYR C 37 -7.01 -13.43 3.61
C TYR C 37 -7.59 -12.01 3.68
N PHE C 38 -8.89 -11.84 3.47
CA PHE C 38 -9.47 -10.50 3.50
C PHE C 38 -9.51 -9.97 4.95
N CYS C 39 -9.72 -10.85 5.93
CA CYS C 39 -9.67 -10.42 7.31
C CYS C 39 -8.30 -9.86 7.65
N LEU C 40 -7.25 -10.48 7.09
CA LEU C 40 -5.88 -10.05 7.30
C LEU C 40 -5.60 -8.67 6.69
N ILE C 41 -5.95 -8.49 5.40
CA ILE C 41 -5.59 -7.27 4.70
C ILE C 41 -6.55 -6.13 5.02
N LEU C 42 -7.74 -6.43 5.55
CA LEU C 42 -8.66 -5.38 6.00
C LEU C 42 -8.59 -5.02 7.47
N SER C 43 -7.84 -5.77 8.27
CA SER C 43 -7.66 -5.48 9.69
C SER C 43 -7.05 -4.10 9.84
N SER C 44 -7.80 -3.22 10.45
CA SER C 44 -7.36 -1.83 10.50
C SER C 44 -6.05 -1.66 11.24
N ARG C 45 -5.09 -1.04 10.57
CA ARG C 45 -3.79 -0.77 11.18
C ARG C 45 -3.04 -1.99 11.70
N LEU C 46 -3.11 -3.08 10.96
CA LEU C 46 -2.36 -4.26 11.33
C LEU C 46 -1.02 -4.10 10.69
N PRO C 47 0.04 -4.18 11.49
CA PRO C 47 1.35 -3.94 10.90
C PRO C 47 1.84 -5.04 9.94
N GLN C 48 2.43 -4.67 8.82
CA GLN C 48 2.98 -5.64 7.86
C GLN C 48 4.49 -5.39 7.87
N LYS C 49 5.22 -6.16 8.65
CA LYS C 49 6.63 -5.90 8.92
C LYS C 49 7.60 -6.91 8.34
N GLY C 50 7.05 -7.95 7.68
CA GLY C 50 7.87 -8.96 7.05
C GLY C 50 8.06 -8.71 5.56
N GLN C 51 9.17 -9.20 5.01
CA GLN C 51 9.32 -9.30 3.57
C GLN C 51 8.22 -10.22 3.04
N PRO C 52 7.89 -10.17 1.72
CA PRO C 52 6.82 -11.01 1.14
C PRO C 52 6.89 -12.52 1.37
N ASN C 53 8.10 -13.10 1.46
CA ASN C 53 8.20 -14.53 1.70
C ASN C 53 8.23 -14.90 3.19
N ARG C 54 7.87 -13.94 4.04
CA ARG C 54 7.87 -14.16 5.48
C ARG C 54 6.44 -14.13 6.01
N GLY C 55 6.24 -14.74 7.18
CA GLY C 55 4.93 -14.79 7.79
C GLY C 55 3.85 -15.15 6.77
N LEU C 56 2.71 -14.45 6.85
CA LEU C 56 1.62 -14.62 5.90
C LEU C 56 1.62 -13.39 5.00
N HIS C 57 2.30 -13.50 3.86
CA HIS C 57 2.45 -12.41 2.91
C HIS C 57 2.97 -11.14 3.60
N GLY C 58 3.97 -11.30 4.47
CA GLY C 58 4.60 -10.17 5.15
C GLY C 58 3.94 -9.78 6.48
N PHE C 59 2.75 -10.33 6.77
CA PHE C 59 2.10 -10.16 8.06
C PHE C 59 2.64 -11.20 9.03
N MET C 60 3.37 -10.74 10.05
CA MET C 60 4.10 -11.64 10.92
C MET C 60 3.15 -12.19 11.99
N PRO C 61 3.23 -13.51 12.32
CA PRO C 61 2.36 -14.10 13.34
C PRO C 61 2.27 -13.31 14.64
N GLU C 62 3.41 -12.85 15.16
CA GLU C 62 3.44 -12.06 16.39
C GLU C 62 2.49 -10.87 16.31
N ASP C 63 2.48 -10.17 15.18
CA ASP C 63 1.64 -9.00 14.98
C ASP C 63 0.15 -9.34 14.80
N ILE C 64 -0.14 -10.43 14.13
CA ILE C 64 -1.52 -10.84 13.93
C ILE C 64 -2.16 -11.21 15.26
N LYS C 65 -1.43 -11.96 16.07
CA LYS C 65 -1.91 -12.36 17.37
C LYS C 65 -2.16 -11.16 18.27
N ARG C 66 -1.21 -10.22 18.28
CA ARG C 66 -1.38 -8.99 19.05
C ARG C 66 -2.63 -8.24 18.61
N GLU C 67 -2.90 -8.21 17.31
CA GLU C 67 -4.10 -7.57 16.80
C GLU C 67 -5.34 -8.28 17.30
N ALA C 68 -5.26 -9.59 17.39
CA ALA C 68 -6.39 -10.38 17.88
C ALA C 68 -6.67 -10.06 19.36
N VAL C 69 -5.63 -9.92 20.15
CA VAL C 69 -5.80 -9.59 21.55
C VAL C 69 -6.35 -8.18 21.69
N ARG C 70 -5.86 -7.27 20.88
CA ARG C 70 -6.39 -5.93 20.88
C ARG C 70 -7.86 -5.94 20.49
N ALA C 71 -8.21 -6.68 19.45
CA ALA C 71 -9.61 -6.79 19.03
C ALA C 71 -10.53 -7.43 20.08
N SER C 72 -9.95 -8.24 20.93
CA SER C 72 -10.74 -8.88 22.02
C SER C 72 -11.53 -7.89 22.90
N LYS C 73 -10.98 -6.70 23.10
CA LYS C 73 -11.69 -5.67 23.84
C LYS C 73 -12.60 -4.80 22.94
N LYS C 74 -12.86 -5.25 21.73
CA LYS C 74 -13.67 -4.46 20.81
C LYS C 74 -14.94 -5.19 20.43
N ILE C 75 -16.09 -4.55 20.66
CA ILE C 75 -17.36 -5.18 20.39
C ILE C 75 -17.83 -4.84 18.98
N CYS C 76 -18.21 -5.89 18.23
CA CYS C 76 -18.87 -5.76 16.94
C CYS C 76 -20.29 -5.19 17.09
N PHE C 77 -20.57 -4.08 16.38
CA PHE C 77 -21.86 -3.42 16.47
C PHE C 77 -22.97 -4.30 15.89
N VAL C 78 -22.62 -5.24 15.01
CA VAL C 78 -23.60 -6.12 14.40
C VAL C 78 -24.01 -7.28 15.31
N CYS C 79 -23.04 -8.11 15.73
CA CYS C 79 -23.35 -9.31 16.49
C CYS C 79 -23.20 -9.15 17.99
N LYS C 80 -22.65 -8.00 18.44
CA LYS C 80 -22.49 -7.67 19.85
C LYS C 80 -21.48 -8.55 20.58
N LYS C 81 -20.56 -9.18 19.84
CA LYS C 81 -19.54 -10.01 20.43
C LYS C 81 -18.17 -9.37 20.22
N LYS C 82 -17.23 -9.76 21.09
CA LYS C 82 -15.88 -9.24 21.04
C LYS C 82 -15.11 -9.80 19.85
N GLY C 83 -13.93 -9.23 19.61
CA GLY C 83 -13.03 -9.69 18.57
C GLY C 83 -13.11 -8.91 17.25
N ALA C 84 -13.79 -7.75 17.26
CA ALA C 84 -13.97 -6.93 16.06
C ALA C 84 -12.68 -6.21 15.70
N ALA C 85 -12.09 -6.61 14.56
CA ALA C 85 -10.78 -6.12 14.13
C ALA C 85 -10.87 -5.05 13.04
N ILE C 86 -12.06 -4.66 12.65
CA ILE C 86 -12.20 -3.59 11.68
C ILE C 86 -12.89 -2.37 12.30
N ARG C 87 -12.29 -1.22 12.14
CA ARG C 87 -12.87 0.02 12.62
C ARG C 87 -13.31 0.91 11.46
N CYS C 88 -14.51 1.47 11.53
CA CYS C 88 -14.93 2.41 10.51
C CYS C 88 -13.87 3.49 10.42
N GLN C 89 -13.45 3.82 9.22
CA GLN C 89 -12.38 4.81 9.03
C GLN C 89 -12.82 6.29 8.99
N ASN C 90 -14.10 6.54 9.12
CA ASN C 90 -14.53 7.92 9.33
C ASN C 90 -13.95 8.40 10.67
N ASP C 91 -13.32 9.58 10.65
CA ASP C 91 -12.64 10.09 11.83
C ASP C 91 -13.52 10.33 13.06
N GLN C 92 -14.84 10.46 12.86
CA GLN C 92 -15.76 10.71 13.97
C GLN C 92 -16.73 9.55 14.19
N CYS C 93 -16.21 8.32 13.95
CA CYS C 93 -16.97 7.09 14.13
C CYS C 93 -16.18 6.11 14.98
N VAL C 94 -16.91 5.42 15.89
CA VAL C 94 -16.31 4.43 16.77
C VAL C 94 -16.82 3.01 16.52
N GLN C 95 -17.54 2.79 15.41
CA GLN C 95 -18.09 1.48 15.10
C GLN C 95 -16.97 0.52 14.73
N ASN C 96 -16.99 -0.67 15.35
CA ASN C 96 -16.08 -1.76 15.00
C ASN C 96 -16.91 -2.94 14.55
N PHE C 97 -16.34 -3.79 13.68
CA PHE C 97 -17.04 -4.98 13.23
C PHE C 97 -16.11 -6.10 12.77
N HIS C 98 -16.63 -7.34 12.85
CA HIS C 98 -16.03 -8.48 12.18
C HIS C 98 -16.34 -8.35 10.69
N LEU C 99 -15.38 -8.68 9.82
CA LEU C 99 -15.62 -8.58 8.38
C LEU C 99 -16.93 -9.21 7.92
N PRO C 100 -17.23 -10.50 8.21
CA PRO C 100 -18.47 -11.13 7.74
C PRO C 100 -19.72 -10.40 8.23
N CYS C 101 -19.66 -9.86 9.45
CA CYS C 101 -20.76 -9.10 10.03
C CYS C 101 -21.01 -7.79 9.29
N GLY C 102 -19.93 -7.06 9.02
CA GLY C 102 -20.01 -5.83 8.26
C GLY C 102 -20.64 -6.04 6.89
N GLN C 103 -20.29 -7.14 6.25
CA GLN C 103 -20.79 -7.43 4.93
C GLN C 103 -22.29 -7.66 4.91
N GLU C 104 -22.87 -8.12 6.00
CA GLU C 104 -24.32 -8.28 6.06
C GLU C 104 -25.05 -6.98 6.41
N ARG C 105 -24.32 -5.97 6.85
CA ARG C 105 -24.94 -4.70 7.15
C ARG C 105 -24.49 -3.58 6.19
N GLY C 106 -24.05 -3.94 5.00
CA GLY C 106 -23.69 -2.98 3.96
C GLY C 106 -22.45 -2.13 4.22
N CYS C 107 -21.53 -2.63 5.07
CA CYS C 107 -20.26 -1.93 5.27
C CYS C 107 -19.44 -2.00 4.00
N LEU C 108 -18.63 -0.97 3.73
CA LEU C 108 -17.78 -0.95 2.54
C LEU C 108 -16.34 -1.27 2.93
N SER C 109 -15.71 -2.17 2.18
CA SER C 109 -14.28 -2.43 2.30
C SER C 109 -13.58 -2.08 1.00
N GLN C 110 -12.46 -1.36 1.12
CA GLN C 110 -11.65 -0.95 -0.02
C GLN C 110 -10.33 -1.71 -0.04
N PHE C 111 -9.94 -2.16 -1.24
CA PHE C 111 -8.76 -3.00 -1.42
C PHE C 111 -7.66 -2.20 -2.10
N PHE C 112 -7.29 -1.08 -1.46
CA PHE C 112 -6.15 -0.25 -1.86
C PHE C 112 -5.76 0.69 -0.72
N GLY C 113 -4.51 1.18 -0.77
CA GLY C 113 -4.06 2.21 0.17
C GLY C 113 -3.93 1.68 1.60
N GLU C 114 -4.65 2.31 2.52
CA GLU C 114 -4.72 1.83 3.90
C GLU C 114 -5.75 0.69 4.06
N TYR C 115 -6.35 0.24 2.94
CA TYR C 115 -7.35 -0.83 2.95
C TYR C 115 -8.42 -0.51 3.98
N LYS C 116 -9.04 0.66 3.78
CA LYS C 116 -10.04 1.21 4.69
C LYS C 116 -11.39 0.53 4.53
N SER C 117 -12.12 0.46 5.64
CA SER C 117 -13.51 0.05 5.64
C SER C 117 -14.34 1.13 6.32
N TYR C 118 -15.65 1.14 5.98
CA TYR C 118 -16.60 2.09 6.50
C TYR C 118 -17.89 1.37 6.85
N CYS C 119 -18.56 1.83 7.92
CA CYS C 119 -19.90 1.37 8.25
C CYS C 119 -20.84 1.95 7.20
N ARG C 120 -22.09 1.47 7.17
CA ARG C 120 -23.00 1.82 6.09
C ARG C 120 -23.21 3.33 5.98
N LYS C 121 -23.41 4.03 7.11
CA LYS C 121 -23.71 5.45 7.04
C LYS C 121 -22.52 6.34 6.67
N HIS C 122 -21.30 5.78 6.68
CA HIS C 122 -20.10 6.55 6.40
C HIS C 122 -19.42 6.11 5.10
N ARG C 123 -20.15 5.39 4.24
CA ARG C 123 -19.62 5.03 2.93
C ARG C 123 -19.31 6.33 2.19
N PRO C 124 -18.05 6.54 1.70
CA PRO C 124 -17.69 7.81 1.07
C PRO C 124 -18.39 7.99 -0.28
#